data_6UZS
#
_entry.id   6UZS
#
_cell.length_a   50.805
_cell.length_b   81.532
_cell.length_c   108.951
_cell.angle_alpha   90.000
_cell.angle_beta   90.000
_cell.angle_gamma   90.000
#
_symmetry.space_group_name_H-M   'P 21 21 21'
#
loop_
_entity.id
_entity.type
_entity.pdbx_description
1 polymer 'MHC class I antigen'
2 polymer Beta-2-microglobulin
3 polymer 'Synthetic peptide HIS-LEU-ALA-SER-SER-GLY-HIS-SER-TYR'
4 non-polymer 'ACETATE ION'
5 non-polymer GLYCEROL
6 non-polymer 1,2-ETHANEDIOL
7 non-polymer 'SODIUM ION'
8 water water
#
loop_
_entity_poly.entity_id
_entity_poly.type
_entity_poly.pdbx_seq_one_letter_code
_entity_poly.pdbx_strand_id
1 'polypeptide(L)'
;GSHSMRYFYTAMSRPGRGEPRFIAVGYVDDTQFVRFDSDAASPRMAPRAPWIEQEGPEYWDRETQISKTNTQTYRESLRN
LRGYYNQSEAGSHTLQRMYGCDVGPDGRLLRGHDQSAYDGKDYIALNEDLSSWTAADTAAQITQRKWEAAREAEQWRAYL
EGLCVEWLRRYLENGKETLQRADPPKTHVTHHPISDHEATLRCWALGFYPAEITLTWQRDGEDQTQDTELVETRPAGDRT
FQKWAAVVVPSGEEQRYTCHVQHEGLPKPLTLRWEP
;
A
2 'polypeptide(L)'
;MIQRTPKIQVYSRHPAENGKSNFLNCYVSGFHPSDIEVDLLKNGERIEKVEHSDLSFSKDWSFYLLYYTEFTPTEKDEYA
CRVNHVTLSQPKIVKWDRDM
;
B
3 'polypeptide(L)' HLASSGHSY C
#
loop_
_chem_comp.id
_chem_comp.type
_chem_comp.name
_chem_comp.formula
ACT non-polymer 'ACETATE ION' 'C2 H3 O2 -1'
EDO non-polymer 1,2-ETHANEDIOL 'C2 H6 O2'
GOL non-polymer GLYCEROL 'C3 H8 O3'
NA non-polymer 'SODIUM ION' 'Na 1'
#
# COMPACT_ATOMS: atom_id res chain seq x y z
N GLY A 1 16.71 -5.26 -9.42
CA GLY A 1 17.65 -6.22 -8.87
C GLY A 1 17.63 -6.31 -7.35
N SER A 2 17.24 -5.24 -6.69
CA SER A 2 17.15 -5.24 -5.24
C SER A 2 15.74 -5.62 -4.79
N HIS A 3 15.64 -6.11 -3.57
CA HIS A 3 14.36 -6.59 -3.06
C HIS A 3 14.20 -6.24 -1.58
N SER A 4 12.94 -6.24 -1.15
CA SER A 4 12.62 -5.93 0.23
C SER A 4 11.57 -6.92 0.73
N MET A 5 11.62 -7.18 2.03
CA MET A 5 10.54 -7.82 2.74
C MET A 5 10.07 -6.85 3.82
N ARG A 6 8.76 -6.66 3.92
CA ARG A 6 8.21 -5.76 4.92
C ARG A 6 6.98 -6.38 5.54
N TYR A 7 6.85 -6.17 6.84
CA TYR A 7 5.61 -6.46 7.56
C TYR A 7 5.00 -5.15 8.05
N PHE A 8 3.68 -5.08 7.95
CA PHE A 8 2.91 -3.90 8.34
C PHE A 8 1.91 -4.36 9.38
N TYR A 9 2.05 -3.85 10.61
CA TYR A 9 1.11 -4.11 11.70
C TYR A 9 0.24 -2.88 11.90
N THR A 10 -1.07 -3.08 12.04
CA THR A 10 -1.99 -2.01 12.45
C THR A 10 -2.78 -2.52 13.65
N ALA A 11 -2.71 -1.78 14.76
CA ALA A 11 -3.51 -2.06 15.95
C ALA A 11 -4.38 -0.83 16.21
N MET A 12 -5.69 -1.03 16.37
CA MET A 12 -6.58 0.10 16.52
C MET A 12 -7.57 -0.18 17.65
N SER A 13 -7.62 0.72 18.63
CA SER A 13 -8.62 0.60 19.69
C SER A 13 -9.97 1.12 19.20
N ARG A 14 -11.03 0.67 19.89
CA ARG A 14 -12.40 1.03 19.52
C ARG A 14 -13.27 0.92 20.77
N PRO A 15 -13.10 1.86 21.70
CA PRO A 15 -13.75 1.71 23.01
C PRO A 15 -15.26 1.63 22.87
N GLY A 16 -15.86 0.74 23.66
CA GLY A 16 -17.27 0.42 23.54
C GLY A 16 -17.58 -0.59 22.45
N ARG A 17 -16.60 -0.98 21.64
CA ARG A 17 -16.81 -1.88 20.51
C ARG A 17 -15.85 -3.04 20.54
N GLY A 18 -15.52 -3.52 21.75
CA GLY A 18 -14.64 -4.65 21.87
C GLY A 18 -13.19 -4.23 22.06
N GLU A 19 -12.33 -5.21 21.97
CA GLU A 19 -10.91 -5.02 22.20
C GLU A 19 -10.23 -4.57 20.92
N PRO A 20 -9.06 -3.96 21.00
CA PRO A 20 -8.41 -3.43 19.79
C PRO A 20 -8.13 -4.52 18.77
N ARG A 21 -8.36 -4.17 17.51
CA ARG A 21 -8.11 -5.05 16.40
C ARG A 21 -6.64 -4.98 16.01
N PHE A 22 -6.06 -6.15 15.71
CA PHE A 22 -4.67 -6.28 15.27
C PHE A 22 -4.67 -6.93 13.88
N ILE A 23 -4.08 -6.23 12.91
CA ILE A 23 -3.93 -6.74 11.55
C ILE A 23 -2.45 -6.75 11.20
N ALA A 24 -2.01 -7.81 10.53
CA ALA A 24 -0.63 -7.86 10.06
C ALA A 24 -0.61 -8.43 8.65
N VAL A 25 0.14 -7.78 7.76
CA VAL A 25 0.30 -8.22 6.39
C VAL A 25 1.78 -8.19 6.05
N GLY A 26 2.22 -9.13 5.23
CA GLY A 26 3.60 -9.22 4.80
C GLY A 26 3.70 -9.05 3.30
N TYR A 27 4.74 -8.36 2.85
CA TYR A 27 5.02 -8.11 1.45
C TYR A 27 6.45 -8.51 1.14
N VAL A 28 6.67 -9.03 -0.07
CA VAL A 28 7.98 -8.99 -0.72
C VAL A 28 7.83 -8.05 -1.90
N ASP A 29 8.65 -6.98 -1.92
CA ASP A 29 8.52 -5.92 -2.92
C ASP A 29 7.07 -5.44 -2.90
N ASP A 30 6.38 -5.41 -4.05
CA ASP A 30 5.00 -4.95 -4.10
C ASP A 30 4.00 -6.10 -4.13
N THR A 31 4.38 -7.27 -3.61
CA THR A 31 3.54 -8.46 -3.61
C THR A 31 3.19 -8.85 -2.17
N GLN A 32 1.91 -8.75 -1.80
CA GLN A 32 1.49 -9.25 -0.51
C GLN A 32 1.55 -10.77 -0.50
N PHE A 33 2.00 -11.36 0.61
CA PHE A 33 2.06 -12.83 0.65
C PHE A 33 1.47 -13.49 1.88
N VAL A 34 1.20 -12.75 2.97
CA VAL A 34 0.52 -13.32 4.12
C VAL A 34 -0.39 -12.25 4.73
N ARG A 35 -1.36 -12.71 5.52
CA ARG A 35 -2.19 -11.80 6.30
C ARG A 35 -2.65 -12.46 7.59
N PHE A 36 -2.95 -11.62 8.58
CA PHE A 36 -3.52 -12.02 9.85
C PHE A 36 -4.50 -10.95 10.27
N ASP A 37 -5.65 -11.37 10.78
CA ASP A 37 -6.66 -10.42 11.26
C ASP A 37 -7.28 -10.96 12.53
N SER A 38 -7.08 -10.25 13.66
CA SER A 38 -7.60 -10.74 14.93
C SER A 38 -9.11 -10.75 15.01
N ASP A 39 -9.81 -10.08 14.08
CA ASP A 39 -11.27 -10.13 14.06
C ASP A 39 -11.84 -11.38 13.39
N ALA A 40 -10.98 -12.24 12.85
CA ALA A 40 -11.50 -13.45 12.21
C ALA A 40 -12.04 -14.43 13.24
N ALA A 41 -13.00 -15.26 12.81
CA ALA A 41 -13.58 -16.26 13.71
C ALA A 41 -12.50 -17.16 14.29
N SER A 42 -11.60 -17.65 13.44
CA SER A 42 -10.44 -18.42 13.87
C SER A 42 -9.21 -17.75 13.26
N PRO A 43 -8.67 -16.73 13.93
CA PRO A 43 -7.56 -15.98 13.35
C PRO A 43 -6.35 -16.87 13.13
N ARG A 44 -5.77 -16.79 11.93
CA ARG A 44 -4.55 -17.52 11.60
C ARG A 44 -3.78 -16.72 10.56
N MET A 45 -2.46 -16.85 10.57
CA MET A 45 -1.71 -16.34 9.42
C MET A 45 -2.13 -17.13 8.18
N ALA A 46 -2.48 -16.42 7.10
CA ALA A 46 -3.00 -17.07 5.91
C ALA A 46 -2.22 -16.69 4.67
N PRO A 47 -2.14 -17.59 3.69
CA PRO A 47 -1.40 -17.26 2.46
C PRO A 47 -2.17 -16.29 1.58
N ARG A 48 -1.41 -15.43 0.89
N ARG A 48 -1.41 -15.43 0.90
CA ARG A 48 -1.99 -14.50 -0.08
CA ARG A 48 -1.97 -14.50 -0.06
C ARG A 48 -1.20 -14.48 -1.38
C ARG A 48 -1.21 -14.50 -1.38
N ALA A 49 -0.21 -15.37 -1.54
CA ALA A 49 0.55 -15.51 -2.79
C ALA A 49 0.82 -17.00 -2.97
N PRO A 50 0.78 -17.50 -4.21
CA PRO A 50 0.92 -18.94 -4.43
C PRO A 50 2.25 -19.52 -3.95
N TRP A 51 3.35 -18.77 -4.02
CA TRP A 51 4.64 -19.36 -3.66
C TRP A 51 4.85 -19.56 -2.16
N ILE A 52 4.01 -18.98 -1.31
CA ILE A 52 4.10 -19.26 0.13
C ILE A 52 3.28 -20.48 0.54
N GLU A 53 2.37 -20.94 -0.32
CA GLU A 53 1.48 -22.04 0.07
C GLU A 53 2.24 -23.32 0.37
N GLN A 54 3.43 -23.49 -0.23
CA GLN A 54 4.22 -24.69 -0.03
C GLN A 54 4.87 -24.78 1.35
N GLU A 55 4.88 -23.70 2.14
CA GLU A 55 5.42 -23.82 3.48
C GLU A 55 4.53 -24.74 4.33
N GLY A 56 5.16 -25.51 5.22
CA GLY A 56 4.47 -26.54 5.96
C GLY A 56 3.77 -26.05 7.20
N PRO A 57 3.11 -26.97 7.91
CA PRO A 57 2.34 -26.58 9.11
C PRO A 57 3.16 -25.87 10.15
N GLU A 58 4.43 -26.26 10.33
CA GLU A 58 5.26 -25.63 11.35
C GLU A 58 5.43 -24.13 11.07
N TYR A 59 5.54 -23.78 9.79
CA TYR A 59 5.61 -22.37 9.41
C TYR A 59 4.33 -21.64 9.81
N TRP A 60 3.18 -22.16 9.37
CA TRP A 60 1.91 -21.48 9.63
C TRP A 60 1.57 -21.48 11.11
N ASP A 61 1.96 -22.52 11.84
CA ASP A 61 1.77 -22.50 13.28
C ASP A 61 2.62 -21.43 13.94
N ARG A 62 3.89 -21.30 13.53
CA ARG A 62 4.74 -20.26 14.11
C ARG A 62 4.17 -18.87 13.87
N GLU A 63 3.83 -18.56 12.61
CA GLU A 63 3.36 -17.22 12.28
C GLU A 63 2.05 -16.91 12.99
N THR A 64 1.15 -17.90 13.07
CA THR A 64 -0.09 -17.70 13.79
C THR A 64 0.15 -17.44 15.27
N GLN A 65 1.03 -18.22 15.89
CA GLN A 65 1.32 -18.02 17.31
C GLN A 65 1.90 -16.63 17.56
N ILE A 66 2.87 -16.20 16.73
CA ILE A 66 3.45 -14.87 16.91
C ILE A 66 2.36 -13.79 16.82
N SER A 67 1.46 -13.93 15.84
CA SER A 67 0.45 -12.90 15.62
C SER A 67 -0.59 -12.90 16.72
N LYS A 68 -0.91 -14.08 17.26
CA LYS A 68 -1.85 -14.12 18.38
C LYS A 68 -1.23 -13.50 19.63
N THR A 69 0.06 -13.78 19.90
CA THR A 69 0.75 -13.09 20.97
C THR A 69 0.77 -11.59 20.71
N ASN A 70 1.06 -11.17 19.47
CA ASN A 70 1.11 -9.76 19.14
C ASN A 70 -0.23 -9.09 19.37
N THR A 71 -1.34 -9.78 19.08
CA THR A 71 -2.65 -9.20 19.38
C THR A 71 -2.72 -8.77 20.84
N GLN A 72 -2.24 -9.61 21.76
CA GLN A 72 -2.30 -9.22 23.16
C GLN A 72 -1.28 -8.13 23.49
N THR A 73 -0.06 -8.26 22.96
CA THR A 73 0.98 -7.29 23.28
C THR A 73 0.63 -5.91 22.75
N TYR A 74 0.08 -5.82 21.54
CA TYR A 74 -0.32 -4.52 21.00
C TYR A 74 -1.51 -3.94 21.74
N ARG A 75 -2.39 -4.78 22.29
CA ARG A 75 -3.44 -4.22 23.14
C ARG A 75 -2.85 -3.59 24.39
N GLU A 76 -1.90 -4.29 25.04
CA GLU A 76 -1.21 -3.70 26.18
C GLU A 76 -0.47 -2.43 25.78
N SER A 77 0.18 -2.44 24.62
CA SER A 77 0.90 -1.27 24.14
C SER A 77 -0.03 -0.09 23.93
N LEU A 78 -1.22 -0.33 23.34
CA LEU A 78 -2.18 0.77 23.16
C LEU A 78 -2.62 1.35 24.49
N ARG A 79 -2.83 0.50 25.50
CA ARG A 79 -3.13 0.99 26.85
C ARG A 79 -1.99 1.84 27.38
N ASN A 80 -0.74 1.40 27.15
CA ASN A 80 0.42 2.12 27.66
C ASN A 80 0.54 3.49 26.99
N LEU A 81 0.36 3.54 25.67
CA LEU A 81 0.46 4.81 24.94
C LEU A 81 -0.64 5.78 25.36
N ARG A 82 -1.86 5.27 25.57
CA ARG A 82 -2.91 6.12 26.11
C ARG A 82 -2.46 6.77 27.41
N GLY A 83 -1.79 6.00 28.27
CA GLY A 83 -1.28 6.58 29.51
C GLY A 83 -0.18 7.60 29.27
N TYR A 84 0.71 7.33 28.32
CA TYR A 84 1.84 8.23 28.09
C TYR A 84 1.37 9.61 27.64
N TYR A 85 0.24 9.67 26.95
CA TYR A 85 -0.28 10.92 26.42
C TYR A 85 -1.46 11.46 27.24
N ASN A 86 -1.74 10.84 28.40
CA ASN A 86 -2.82 11.27 29.32
C ASN A 86 -4.16 11.34 28.60
N GLN A 87 -4.44 10.32 27.78
CA GLN A 87 -5.63 10.27 26.95
C GLN A 87 -6.74 9.50 27.64
N SER A 88 -7.98 9.92 27.38
CA SER A 88 -9.14 9.28 27.98
CA SER A 88 -9.12 9.27 27.99
C SER A 88 -9.34 7.88 27.40
N GLU A 89 -10.07 7.06 28.16
CA GLU A 89 -10.46 5.74 27.69
C GLU A 89 -11.47 5.81 26.55
N ALA A 90 -12.01 7.00 26.25
CA ALA A 90 -13.14 7.12 25.35
C ALA A 90 -12.75 7.20 23.89
N GLY A 91 -11.50 7.54 23.58
CA GLY A 91 -11.09 7.76 22.20
C GLY A 91 -10.45 6.53 21.58
N SER A 92 -10.57 6.43 20.26
CA SER A 92 -9.91 5.39 19.51
C SER A 92 -8.54 5.88 19.03
N HIS A 93 -7.56 4.97 19.01
CA HIS A 93 -6.21 5.32 18.62
C HIS A 93 -5.61 4.19 17.79
N THR A 94 -4.55 4.54 17.06
CA THR A 94 -3.93 3.63 16.12
C THR A 94 -2.45 3.53 16.45
N LEU A 95 -1.95 2.31 16.53
CA LEU A 95 -0.52 2.04 16.59
C LEU A 95 -0.14 1.28 15.32
N GLN A 96 0.85 1.80 14.58
CA GLN A 96 1.32 1.16 13.36
C GLN A 96 2.81 0.85 13.47
N ARG A 97 3.21 -0.28 12.88
CA ARG A 97 4.63 -0.63 12.84
C ARG A 97 4.93 -1.20 11.47
N MET A 98 6.05 -0.78 10.87
CA MET A 98 6.52 -1.41 9.64
C MET A 98 8.00 -1.73 9.79
N TYR A 99 8.38 -2.95 9.43
CA TYR A 99 9.75 -3.39 9.62
C TYR A 99 10.14 -4.37 8.51
N GLY A 100 11.43 -4.52 8.29
CA GLY A 100 11.89 -5.54 7.38
C GLY A 100 13.29 -5.23 6.88
N CYS A 101 13.67 -5.95 5.83
CA CYS A 101 15.03 -5.87 5.34
C CYS A 101 15.06 -5.64 3.85
N ASP A 102 16.12 -4.99 3.39
CA ASP A 102 16.42 -4.81 1.97
C ASP A 102 17.69 -5.59 1.63
N VAL A 103 17.69 -6.24 0.47
CA VAL A 103 18.87 -6.96 -0.01
C VAL A 103 19.16 -6.54 -1.44
N GLY A 104 20.45 -6.63 -1.81
CA GLY A 104 20.85 -6.30 -3.16
C GLY A 104 20.69 -7.47 -4.11
N PRO A 105 21.11 -7.26 -5.35
CA PRO A 105 21.04 -8.36 -6.33
C PRO A 105 21.81 -9.60 -5.90
N ASP A 106 22.84 -9.44 -5.06
CA ASP A 106 23.59 -10.58 -4.53
C ASP A 106 22.99 -11.13 -3.25
N GLY A 107 21.87 -10.58 -2.79
CA GLY A 107 21.22 -11.08 -1.60
C GLY A 107 21.79 -10.61 -0.28
N ARG A 108 22.72 -9.66 -0.31
CA ARG A 108 23.34 -9.17 0.91
C ARG A 108 22.49 -8.05 1.51
N LEU A 109 22.41 -8.02 2.84
CA LEU A 109 21.66 -6.97 3.53
C LEU A 109 22.15 -5.58 3.10
N LEU A 110 21.25 -4.79 2.54
CA LEU A 110 21.53 -3.38 2.30
C LEU A 110 21.18 -2.51 3.51
N ARG A 111 20.04 -2.77 4.13
CA ARG A 111 19.56 -1.95 5.25
C ARG A 111 18.42 -2.68 5.94
N GLY A 112 18.33 -2.54 7.26
CA GLY A 112 17.16 -3.03 8.01
C GLY A 112 16.29 -1.87 8.47
N HIS A 113 15.02 -2.14 8.77
CA HIS A 113 14.04 -1.11 9.10
C HIS A 113 13.18 -1.60 10.26
N ASP A 114 12.89 -0.70 11.21
CA ASP A 114 11.79 -0.90 12.15
C ASP A 114 11.29 0.48 12.59
N GLN A 115 10.08 0.84 12.15
CA GLN A 115 9.52 2.15 12.46
C GLN A 115 8.11 2.00 13.01
N SER A 116 7.74 2.89 13.94
CA SER A 116 6.41 2.85 14.57
C SER A 116 5.78 4.24 14.56
N ALA A 117 4.45 4.27 14.46
CA ALA A 117 3.69 5.51 14.52
C ALA A 117 2.49 5.36 15.44
N TYR A 118 2.12 6.46 16.07
CA TYR A 118 0.96 6.52 16.95
C TYR A 118 0.03 7.61 16.43
N ASP A 119 -1.21 7.22 16.12
CA ASP A 119 -2.19 8.11 15.49
C ASP A 119 -1.63 8.82 14.26
N GLY A 120 -0.87 8.09 13.45
CA GLY A 120 -0.34 8.60 12.20
C GLY A 120 0.91 9.44 12.32
N LYS A 121 1.44 9.65 13.53
CA LYS A 121 2.64 10.45 13.75
C LYS A 121 3.81 9.56 14.11
N ASP A 122 4.96 9.83 13.52
CA ASP A 122 6.14 9.03 13.85
C ASP A 122 6.37 9.03 15.36
N TYR A 123 6.62 7.84 15.91
CA TYR A 123 6.73 7.64 17.35
C TYR A 123 8.14 7.19 17.74
N ILE A 124 8.60 6.05 17.24
CA ILE A 124 9.96 5.59 17.51
C ILE A 124 10.44 4.79 16.31
N ALA A 125 11.74 4.86 16.05
CA ALA A 125 12.34 4.13 14.94
C ALA A 125 13.71 3.59 15.35
N LEU A 126 13.99 2.36 14.93
CA LEU A 126 15.33 1.80 14.98
C LEU A 126 16.23 2.54 14.00
N ASN A 127 17.39 2.99 14.47
CA ASN A 127 18.30 3.71 13.60
C ASN A 127 18.94 2.75 12.60
N GLU A 128 19.49 3.31 11.52
CA GLU A 128 20.09 2.48 10.49
C GLU A 128 21.22 1.62 11.02
N ASP A 129 21.84 2.01 12.14
CA ASP A 129 22.89 1.21 12.74
C ASP A 129 22.37 -0.05 13.43
N LEU A 130 21.04 -0.23 13.50
CA LEU A 130 20.40 -1.38 14.15
C LEU A 130 20.86 -1.56 15.60
N SER A 131 21.30 -0.47 16.24
CA SER A 131 21.82 -0.52 17.59
C SER A 131 21.25 0.54 18.51
N SER A 132 20.62 1.58 17.98
CA SER A 132 20.10 2.68 18.77
C SER A 132 18.73 3.06 18.26
N TRP A 133 17.99 3.81 19.06
CA TRP A 133 16.64 4.23 18.74
C TRP A 133 16.55 5.75 18.60
N THR A 134 15.62 6.21 17.77
CA THR A 134 15.25 7.63 17.71
C THR A 134 13.79 7.75 18.16
N ALA A 135 13.60 8.40 19.31
CA ALA A 135 12.29 8.62 19.90
C ALA A 135 11.79 10.01 19.52
N ALA A 136 10.50 10.09 19.16
CA ALA A 136 9.97 11.36 18.67
C ALA A 136 9.65 12.35 19.78
N ASP A 137 9.41 11.89 20.99
CA ASP A 137 8.96 12.77 22.07
C ASP A 137 9.21 12.07 23.40
N THR A 138 8.75 12.71 24.50
CA THR A 138 9.03 12.17 25.83
C THR A 138 8.25 10.88 26.12
N ALA A 139 7.11 10.67 25.46
CA ALA A 139 6.42 9.39 25.59
C ALA A 139 7.23 8.27 24.94
N ALA A 140 7.67 8.50 23.71
CA ALA A 140 8.48 7.47 23.05
C ALA A 140 9.80 7.23 23.76
N GLN A 141 10.28 8.21 24.52
CA GLN A 141 11.47 7.97 25.33
C GLN A 141 11.19 6.90 26.39
N ILE A 142 9.95 6.79 26.86
CA ILE A 142 9.62 5.72 27.80
C ILE A 142 9.70 4.37 27.11
N THR A 143 9.10 4.26 25.92
CA THR A 143 9.26 3.04 25.13
C THR A 143 10.74 2.73 24.89
N GLN A 144 11.53 3.75 24.55
CA GLN A 144 12.94 3.52 24.29
C GLN A 144 13.63 2.89 25.50
N ARG A 145 13.35 3.42 26.70
CA ARG A 145 13.96 2.87 27.91
C ARG A 145 13.54 1.43 28.15
N LYS A 146 12.25 1.11 27.98
CA LYS A 146 11.82 -0.27 28.06
C LYS A 146 12.59 -1.14 27.07
N TRP A 147 12.68 -0.67 25.83
CA TRP A 147 13.30 -1.50 24.80
C TRP A 147 14.81 -1.64 25.01
N GLU A 148 15.45 -0.62 25.56
CA GLU A 148 16.86 -0.77 25.92
C GLU A 148 17.04 -1.81 27.03
N ALA A 149 16.15 -1.79 28.03
CA ALA A 149 16.24 -2.77 29.10
C ALA A 149 15.97 -4.18 28.61
N ALA A 150 15.17 -4.33 27.55
CA ALA A 150 14.88 -5.65 27.02
C ALA A 150 15.85 -6.08 25.93
N ARG A 151 16.87 -5.26 25.65
CA ARG A 151 17.85 -5.53 24.60
C ARG A 151 17.16 -5.78 23.27
N GLU A 152 16.16 -4.94 22.97
CA GLU A 152 15.41 -5.10 21.73
C GLU A 152 16.26 -4.83 20.51
N ALA A 153 17.13 -3.81 20.55
CA ALA A 153 17.92 -3.48 19.37
C ALA A 153 18.83 -4.64 18.98
N GLU A 154 19.44 -5.31 19.96
CA GLU A 154 20.27 -6.48 19.69
C GLU A 154 19.47 -7.57 18.98
N GLN A 155 18.22 -7.77 19.39
CA GLN A 155 17.39 -8.80 18.76
C GLN A 155 17.00 -8.38 17.35
N TRP A 156 16.67 -7.11 17.14
CA TRP A 156 16.37 -6.63 15.80
C TRP A 156 17.56 -6.84 14.87
N ARG A 157 18.75 -6.47 15.33
CA ARG A 157 19.93 -6.67 14.49
C ARG A 157 20.08 -8.13 14.09
N ALA A 158 19.93 -9.03 15.05
CA ALA A 158 20.01 -10.46 14.76
C ALA A 158 18.97 -10.88 13.73
N TYR A 159 17.72 -10.43 13.91
CA TYR A 159 16.67 -10.80 12.96
C TYR A 159 16.96 -10.23 11.57
N LEU A 160 17.28 -8.94 11.53
CA LEU A 160 17.41 -8.21 10.27
C LEU A 160 18.62 -8.68 9.47
N GLU A 161 19.73 -8.97 10.14
CA GLU A 161 20.90 -9.48 9.43
C GLU A 161 20.80 -10.97 9.16
N GLY A 162 19.92 -11.68 9.87
CA GLY A 162 19.85 -13.12 9.79
C GLY A 162 18.59 -13.65 9.12
N LEU A 163 17.60 -14.03 9.93
CA LEU A 163 16.42 -14.72 9.40
C LEU A 163 15.67 -13.88 8.37
N CYS A 164 15.61 -12.57 8.59
CA CYS A 164 14.90 -11.71 7.64
C CYS A 164 15.48 -11.86 6.25
N VAL A 165 16.81 -11.79 6.14
CA VAL A 165 17.45 -11.90 4.84
C VAL A 165 17.40 -13.32 4.33
N GLU A 166 17.57 -14.31 5.21
CA GLU A 166 17.54 -15.69 4.78
C GLU A 166 16.16 -16.09 4.24
N TRP A 167 15.10 -15.69 4.93
CA TRP A 167 13.77 -16.04 4.45
C TRP A 167 13.37 -15.21 3.23
N LEU A 168 13.81 -13.95 3.15
CA LEU A 168 13.56 -13.19 1.95
C LEU A 168 14.18 -13.87 0.73
N ARG A 169 15.42 -14.34 0.87
CA ARG A 169 16.07 -15.01 -0.26
CA ARG A 169 16.07 -15.01 -0.26
C ARG A 169 15.35 -16.31 -0.59
N ARG A 170 14.85 -17.01 0.43
CA ARG A 170 14.05 -18.21 0.17
C ARG A 170 12.78 -17.87 -0.60
N TYR A 171 12.07 -16.81 -0.19
CA TYR A 171 10.86 -16.39 -0.90
C TYR A 171 11.17 -15.99 -2.34
N LEU A 172 12.24 -15.22 -2.54
CA LEU A 172 12.61 -14.79 -3.89
C LEU A 172 12.90 -15.98 -4.79
N GLU A 173 13.43 -17.07 -4.25
CA GLU A 173 13.69 -18.25 -5.07
C GLU A 173 12.41 -19.04 -5.35
N ASN A 174 11.59 -19.26 -4.33
CA ASN A 174 10.35 -20.00 -4.53
C ASN A 174 9.36 -19.26 -5.41
N GLY A 175 9.38 -17.92 -5.38
CA GLY A 175 8.51 -17.14 -6.24
C GLY A 175 9.24 -16.46 -7.39
N LYS A 176 10.36 -17.02 -7.84
CA LYS A 176 11.20 -16.31 -8.80
C LYS A 176 10.45 -15.96 -10.09
N GLU A 177 9.52 -16.82 -10.53
CA GLU A 177 8.85 -16.57 -11.81
C GLU A 177 7.98 -15.32 -11.79
N THR A 178 7.63 -14.82 -10.61
CA THR A 178 6.90 -13.56 -10.49
C THR A 178 7.70 -12.49 -9.77
N LEU A 179 8.27 -12.82 -8.61
CA LEU A 179 8.96 -11.82 -7.81
C LEU A 179 10.18 -11.27 -8.51
N GLN A 180 10.83 -12.07 -9.35
CA GLN A 180 12.01 -11.66 -10.08
C GLN A 180 11.69 -11.42 -11.55
N ARG A 181 10.45 -11.10 -11.87
CA ARG A 181 10.05 -10.78 -13.23
C ARG A 181 9.47 -9.38 -13.23
N ALA A 182 10.10 -8.47 -13.97
CA ALA A 182 9.57 -7.13 -14.15
C ALA A 182 8.72 -7.10 -15.42
N ASP A 183 7.45 -6.71 -15.28
CA ASP A 183 6.55 -6.58 -16.41
C ASP A 183 6.51 -5.13 -16.86
N PRO A 184 6.85 -4.82 -18.10
CA PRO A 184 6.87 -3.43 -18.54
C PRO A 184 5.47 -2.88 -18.71
N PRO A 185 5.32 -1.56 -18.69
CA PRO A 185 4.00 -0.97 -18.91
C PRO A 185 3.63 -1.03 -20.37
N LYS A 186 2.35 -1.25 -20.63
CA LYS A 186 1.77 -0.93 -21.92
C LYS A 186 1.38 0.55 -21.88
N THR A 187 1.82 1.31 -22.87
CA THR A 187 1.70 2.75 -22.82
C THR A 187 0.83 3.28 -23.97
N HIS A 188 0.26 4.47 -23.76
CA HIS A 188 -0.30 5.23 -24.89
C HIS A 188 -0.57 6.65 -24.44
N VAL A 189 -0.86 7.50 -25.43
CA VAL A 189 -1.11 8.92 -25.19
C VAL A 189 -2.49 9.24 -25.75
N THR A 190 -3.36 9.80 -24.91
CA THR A 190 -4.66 10.24 -25.34
C THR A 190 -4.71 11.76 -25.37
N HIS A 191 -5.70 12.26 -26.10
CA HIS A 191 -5.86 13.68 -26.36
C HIS A 191 -7.31 14.02 -26.07
N HIS A 192 -7.54 14.97 -25.16
CA HIS A 192 -8.87 15.36 -24.72
C HIS A 192 -9.02 16.86 -24.89
N PRO A 193 -9.66 17.35 -25.96
CA PRO A 193 -9.85 18.79 -26.09
C PRO A 193 -10.65 19.35 -24.91
N ILE A 194 -10.21 20.51 -24.44
CA ILE A 194 -10.87 21.25 -23.39
C ILE A 194 -11.68 22.40 -23.95
N SER A 195 -11.08 23.14 -24.86
CA SER A 195 -11.66 24.33 -25.49
C SER A 195 -11.06 24.43 -26.88
N ASP A 196 -11.35 25.51 -27.58
CA ASP A 196 -10.59 25.81 -28.79
C ASP A 196 -9.15 26.19 -28.44
N HIS A 197 -8.89 26.51 -27.18
CA HIS A 197 -7.63 27.08 -26.78
C HIS A 197 -6.62 26.05 -26.29
N GLU A 198 -7.08 24.94 -25.72
CA GLU A 198 -6.15 23.99 -25.15
C GLU A 198 -6.77 22.60 -25.09
N ALA A 199 -5.92 21.63 -24.80
CA ALA A 199 -6.33 20.23 -24.73
C ALA A 199 -5.45 19.54 -23.72
N THR A 200 -5.93 18.41 -23.21
CA THR A 200 -5.16 17.58 -22.30
C THR A 200 -4.47 16.46 -23.06
N LEU A 201 -3.18 16.32 -22.85
CA LEU A 201 -2.45 15.13 -23.25
C LEU A 201 -2.24 14.27 -22.01
N ARG A 202 -2.64 13.01 -22.08
CA ARG A 202 -2.52 12.10 -20.96
C ARG A 202 -1.69 10.91 -21.40
N CYS A 203 -0.62 10.64 -20.66
CA CYS A 203 0.27 9.53 -20.93
C CYS A 203 -0.04 8.41 -19.95
N TRP A 204 -0.39 7.23 -20.47
CA TRP A 204 -0.84 6.09 -19.68
C TRP A 204 0.24 5.01 -19.59
N ALA A 205 0.34 4.40 -18.42
CA ALA A 205 1.18 3.22 -18.22
C ALA A 205 0.33 2.19 -17.50
N LEU A 206 0.18 1.01 -18.09
CA LEU A 206 -0.73 0.00 -17.60
C LEU A 206 -0.04 -1.35 -17.52
N GLY A 207 -0.45 -2.14 -16.54
CA GLY A 207 0.00 -3.52 -16.43
C GLY A 207 1.43 -3.73 -16.00
N PHE A 208 2.06 -2.74 -15.35
CA PHE A 208 3.47 -2.88 -15.00
C PHE A 208 3.68 -3.44 -13.60
N TYR A 209 4.83 -4.11 -13.41
CA TYR A 209 5.26 -4.61 -12.12
C TYR A 209 6.78 -4.55 -12.10
N PRO A 210 7.39 -4.06 -11.02
CA PRO A 210 6.82 -3.55 -9.77
C PRO A 210 6.26 -2.14 -9.93
N ALA A 211 5.80 -1.53 -8.84
CA ALA A 211 5.06 -0.28 -8.93
C ALA A 211 5.96 0.91 -9.26
N GLU A 212 7.25 0.81 -8.99
CA GLU A 212 8.17 1.92 -9.26
C GLU A 212 8.18 2.27 -10.75
N ILE A 213 7.93 3.53 -11.06
CA ILE A 213 7.87 3.99 -12.45
C ILE A 213 8.13 5.48 -12.47
N THR A 214 8.65 5.98 -13.59
CA THR A 214 8.78 7.42 -13.81
C THR A 214 8.03 7.80 -15.08
N LEU A 215 7.06 8.70 -14.95
CA LEU A 215 6.30 9.24 -16.08
C LEU A 215 6.48 10.75 -16.05
N THR A 216 7.00 11.31 -17.14
CA THR A 216 7.27 12.74 -17.18
C THR A 216 6.85 13.30 -18.52
N TRP A 217 6.40 14.55 -18.50
CA TRP A 217 6.08 15.27 -19.73
C TRP A 217 7.14 16.34 -19.94
N GLN A 218 7.65 16.42 -21.17
CA GLN A 218 8.55 17.47 -21.58
C GLN A 218 7.89 18.33 -22.65
N ARG A 219 8.22 19.62 -22.64
CA ARG A 219 7.81 20.56 -23.67
C ARG A 219 9.07 21.19 -24.24
N ASP A 220 9.31 20.97 -25.53
CA ASP A 220 10.60 21.32 -26.17
C ASP A 220 11.76 20.77 -25.35
N GLY A 221 11.58 19.56 -24.82
CA GLY A 221 12.61 18.86 -24.07
C GLY A 221 12.78 19.29 -22.63
N GLU A 222 11.99 20.25 -22.14
CA GLU A 222 12.09 20.71 -20.77
C GLU A 222 11.02 20.02 -19.92
N ASP A 223 11.43 19.48 -18.77
CA ASP A 223 10.48 18.80 -17.89
C ASP A 223 9.41 19.78 -17.44
N GLN A 224 8.15 19.35 -17.49
CA GLN A 224 7.01 20.17 -17.09
C GLN A 224 6.49 19.78 -15.71
N THR A 225 7.41 19.55 -14.76
CA THR A 225 7.04 19.01 -13.44
C THR A 225 5.92 19.81 -12.80
N GLN A 226 6.05 21.14 -12.80
CA GLN A 226 5.06 21.97 -12.13
C GLN A 226 3.69 21.88 -12.79
N ASP A 227 3.64 21.61 -14.10
CA ASP A 227 2.41 21.63 -14.85
C ASP A 227 1.80 20.23 -15.05
N THR A 228 2.46 19.19 -14.58
CA THR A 228 2.02 17.83 -14.84
C THR A 228 1.17 17.33 -13.69
N GLU A 229 -0.03 16.84 -14.01
CA GLU A 229 -0.86 16.13 -13.03
C GLU A 229 -0.50 14.65 -13.06
N LEU A 230 0.01 14.15 -11.94
CA LEU A 230 0.26 12.72 -11.76
C LEU A 230 -0.82 12.14 -10.88
N VAL A 231 -1.39 11.01 -11.26
CA VAL A 231 -2.23 10.29 -10.33
C VAL A 231 -1.36 9.36 -9.52
N GLU A 232 -1.86 8.98 -8.35
CA GLU A 232 -1.18 7.99 -7.54
C GLU A 232 -1.18 6.67 -8.28
N THR A 233 -0.02 6.01 -8.29
CA THR A 233 0.05 4.68 -8.86
C THR A 233 -0.97 3.79 -8.17
N ARG A 234 -1.75 3.04 -8.96
CA ARG A 234 -2.87 2.29 -8.43
C ARG A 234 -2.83 0.83 -8.85
N PRO A 235 -3.31 -0.08 -8.01
CA PRO A 235 -3.25 -1.50 -8.35
C PRO A 235 -4.39 -1.91 -9.26
N ALA A 236 -4.07 -2.72 -10.26
CA ALA A 236 -5.08 -3.27 -11.15
C ALA A 236 -5.83 -4.43 -10.52
N GLY A 237 -5.21 -5.11 -9.54
CA GLY A 237 -5.82 -6.24 -8.88
C GLY A 237 -5.30 -7.58 -9.33
N ASP A 238 -4.52 -7.61 -10.41
CA ASP A 238 -3.90 -8.82 -10.94
C ASP A 238 -2.39 -8.85 -10.67
N ARG A 239 -1.92 -8.09 -9.65
CA ARG A 239 -0.53 -7.86 -9.26
C ARG A 239 0.09 -6.64 -9.94
N THR A 240 -0.47 -6.20 -11.07
CA THR A 240 0.12 -5.10 -11.81
C THR A 240 -0.45 -3.76 -11.37
N PHE A 241 0.18 -2.71 -11.87
CA PHE A 241 -0.12 -1.35 -11.46
C PHE A 241 -0.42 -0.49 -12.69
N GLN A 242 -1.05 0.65 -12.44
CA GLN A 242 -1.46 1.62 -13.46
C GLN A 242 -1.08 3.02 -12.98
N LYS A 243 -0.80 3.89 -13.95
CA LYS A 243 -0.50 5.28 -13.65
C LYS A 243 -0.69 6.10 -14.90
N TRP A 244 -1.03 7.38 -14.70
CA TRP A 244 -1.02 8.31 -15.83
C TRP A 244 -0.52 9.67 -15.39
N ALA A 245 -0.03 10.42 -16.37
CA ALA A 245 0.47 11.78 -16.20
C ALA A 245 -0.23 12.64 -17.23
N ALA A 246 -0.73 13.79 -16.82
CA ALA A 246 -1.47 14.63 -17.74
C ALA A 246 -0.90 16.04 -17.74
N VAL A 247 -0.99 16.68 -18.90
CA VAL A 247 -0.56 18.07 -19.06
C VAL A 247 -1.57 18.76 -19.98
N VAL A 248 -1.78 20.05 -19.74
CA VAL A 248 -2.68 20.86 -20.54
C VAL A 248 -1.85 21.65 -21.52
N VAL A 249 -2.13 21.49 -22.81
CA VAL A 249 -1.26 22.07 -23.84
C VAL A 249 -2.08 23.02 -24.70
N PRO A 250 -1.46 24.07 -25.26
CA PRO A 250 -2.18 24.91 -26.21
C PRO A 250 -2.48 24.13 -27.48
N SER A 251 -3.71 24.31 -28.00
CA SER A 251 -4.11 23.64 -29.24
C SER A 251 -3.12 23.94 -30.36
N GLY A 252 -2.75 22.90 -31.09
CA GLY A 252 -1.76 23.04 -32.15
C GLY A 252 -0.31 23.00 -31.72
N GLU A 253 -0.03 22.93 -30.42
CA GLU A 253 1.34 22.78 -29.93
C GLU A 253 1.64 21.37 -29.46
N GLU A 254 0.77 20.40 -29.74
CA GLU A 254 0.86 19.08 -29.14
C GLU A 254 2.17 18.39 -29.48
N GLN A 255 2.69 18.59 -30.69
CA GLN A 255 3.88 17.87 -31.07
C GLN A 255 5.14 18.39 -30.39
N ARG A 256 5.04 19.48 -29.65
CA ARG A 256 6.19 19.92 -28.86
C ARG A 256 6.31 19.14 -27.56
N TYR A 257 5.36 18.24 -27.27
CA TYR A 257 5.28 17.54 -25.99
C TYR A 257 5.66 16.08 -26.17
N THR A 258 6.53 15.59 -25.30
CA THR A 258 6.90 14.17 -25.29
C THR A 258 6.72 13.61 -23.89
N CYS A 259 6.16 12.41 -23.82
CA CYS A 259 6.03 11.67 -22.58
C CYS A 259 7.17 10.69 -22.46
N HIS A 260 7.80 10.63 -21.29
CA HIS A 260 8.96 9.79 -21.10
C HIS A 260 8.68 8.79 -20.00
N VAL A 261 8.91 7.51 -20.29
CA VAL A 261 8.57 6.41 -19.40
C VAL A 261 9.82 5.62 -19.07
N GLN A 262 10.10 5.47 -17.77
CA GLN A 262 11.19 4.63 -17.29
C GLN A 262 10.61 3.56 -16.39
N HIS A 263 11.00 2.32 -16.62
CA HIS A 263 10.52 1.21 -15.81
C HIS A 263 11.46 0.03 -15.99
N GLU A 264 11.66 -0.71 -14.91
CA GLU A 264 12.61 -1.83 -14.90
C GLU A 264 12.29 -2.88 -15.97
N GLY A 265 11.02 -3.08 -16.32
CA GLY A 265 10.66 -4.09 -17.31
C GLY A 265 10.93 -3.72 -18.74
N LEU A 266 11.35 -2.48 -18.99
CA LEU A 266 11.56 -1.99 -20.34
C LEU A 266 13.02 -2.22 -20.77
N PRO A 267 13.24 -2.68 -22.00
CA PRO A 267 14.62 -2.75 -22.51
C PRO A 267 15.28 -1.39 -22.56
N LYS A 268 14.55 -0.36 -22.99
CA LYS A 268 15.03 1.01 -23.08
C LYS A 268 13.90 1.94 -22.64
N PRO A 269 14.23 3.08 -22.03
CA PRO A 269 13.17 4.06 -21.70
C PRO A 269 12.41 4.49 -22.94
N LEU A 270 11.15 4.84 -22.75
CA LEU A 270 10.25 5.15 -23.85
C LEU A 270 10.06 6.66 -23.98
N THR A 271 10.00 7.13 -25.22
CA THR A 271 9.60 8.50 -25.52
C THR A 271 8.36 8.42 -26.41
N LEU A 272 7.28 9.06 -26.00
CA LEU A 272 5.98 8.93 -26.64
C LEU A 272 5.44 10.31 -27.03
N ARG A 273 4.77 10.35 -28.18
CA ARG A 273 4.11 11.54 -28.65
CA ARG A 273 4.10 11.55 -28.64
C ARG A 273 2.65 11.20 -28.95
N TRP A 274 1.79 12.22 -28.95
CA TRP A 274 0.42 11.98 -29.36
C TRP A 274 0.41 11.66 -30.85
N GLU A 275 -0.21 10.54 -31.21
CA GLU A 275 -0.30 10.10 -32.60
C GLU A 275 -1.74 10.27 -33.05
N PRO A 276 -2.09 11.41 -33.67
CA PRO A 276 -3.47 11.60 -34.11
C PRO A 276 -3.79 10.71 -35.31
N MET B 1 -4.76 15.05 16.92
CA MET B 1 -5.17 13.86 16.19
C MET B 1 -5.12 14.09 14.68
N ILE B 2 -4.17 13.42 14.01
CA ILE B 2 -4.08 13.50 12.56
C ILE B 2 -5.27 12.79 11.93
N GLN B 3 -5.96 13.48 11.02
CA GLN B 3 -6.95 12.85 10.17
C GLN B 3 -6.69 13.25 8.72
N ARG B 4 -6.71 12.28 7.82
CA ARG B 4 -6.42 12.49 6.39
C ARG B 4 -7.56 11.93 5.56
N THR B 5 -8.08 12.74 4.65
CA THR B 5 -9.23 12.34 3.86
C THR B 5 -8.80 11.42 2.71
N PRO B 6 -9.61 10.44 2.36
CA PRO B 6 -9.18 9.46 1.35
C PRO B 6 -9.16 10.05 -0.06
N LYS B 7 -8.11 9.72 -0.80
CA LYS B 7 -8.13 9.84 -2.25
C LYS B 7 -8.89 8.66 -2.84
N ILE B 8 -9.58 8.90 -3.95
CA ILE B 8 -10.48 7.90 -4.52
C ILE B 8 -10.26 7.84 -6.03
N GLN B 9 -9.98 6.64 -6.54
CA GLN B 9 -9.90 6.41 -7.98
C GLN B 9 -10.81 5.23 -8.34
N VAL B 10 -11.62 5.43 -9.39
CA VAL B 10 -12.54 4.41 -9.90
C VAL B 10 -12.16 4.11 -11.33
N TYR B 11 -11.93 2.83 -11.66
CA TYR B 11 -11.32 2.44 -12.92
C TYR B 11 -11.48 0.94 -13.10
N SER B 12 -11.24 0.47 -14.32
CA SER B 12 -11.32 -0.96 -14.57
C SER B 12 -9.93 -1.59 -14.63
N ARG B 13 -9.88 -2.89 -14.37
CA ARG B 13 -8.60 -3.60 -14.40
C ARG B 13 -8.02 -3.59 -15.81
N HIS B 14 -8.85 -3.89 -16.81
CA HIS B 14 -8.49 -3.90 -18.22
C HIS B 14 -9.26 -2.80 -18.96
N PRO B 15 -8.77 -2.34 -20.11
CA PRO B 15 -9.52 -1.36 -20.89
C PRO B 15 -10.93 -1.86 -21.19
N ALA B 16 -11.91 -0.98 -20.94
CA ALA B 16 -13.29 -1.41 -20.83
C ALA B 16 -13.90 -1.59 -22.21
N GLU B 17 -14.52 -2.76 -22.42
CA GLU B 17 -15.17 -3.11 -23.68
C GLU B 17 -16.55 -3.67 -23.37
N ASN B 18 -17.59 -3.03 -23.92
CA ASN B 18 -18.96 -3.42 -23.61
C ASN B 18 -19.20 -4.88 -23.95
N GLY B 19 -19.82 -5.60 -23.01
CA GLY B 19 -20.08 -7.02 -23.18
C GLY B 19 -18.92 -7.95 -22.84
N LYS B 20 -17.74 -7.42 -22.56
CA LYS B 20 -16.59 -8.23 -22.15
C LYS B 20 -16.41 -8.14 -20.64
N SER B 21 -16.15 -9.29 -20.01
CA SER B 21 -16.04 -9.33 -18.56
C SER B 21 -14.74 -8.67 -18.10
N ASN B 22 -14.81 -7.98 -16.96
CA ASN B 22 -13.74 -7.13 -16.49
C ASN B 22 -13.81 -7.11 -14.96
N PHE B 23 -13.03 -6.23 -14.35
CA PHE B 23 -13.11 -5.97 -12.92
C PHE B 23 -13.24 -4.48 -12.71
N LEU B 24 -14.19 -4.09 -11.88
CA LEU B 24 -14.35 -2.70 -11.50
C LEU B 24 -13.63 -2.46 -10.18
N ASN B 25 -12.75 -1.46 -10.15
CA ASN B 25 -11.92 -1.17 -8.99
C ASN B 25 -12.29 0.18 -8.42
N CYS B 26 -12.28 0.27 -7.09
CA CYS B 26 -12.28 1.55 -6.39
C CYS B 26 -11.14 1.50 -5.39
N TYR B 27 -10.13 2.33 -5.62
CA TYR B 27 -8.92 2.38 -4.81
C TYR B 27 -8.99 3.61 -3.93
N VAL B 28 -8.95 3.40 -2.61
CA VAL B 28 -8.93 4.49 -1.65
C VAL B 28 -7.57 4.49 -0.97
N SER B 29 -6.97 5.66 -0.83
CA SER B 29 -5.61 5.75 -0.32
C SER B 29 -5.39 7.08 0.39
N GLY B 30 -4.26 7.17 1.08
CA GLY B 30 -3.88 8.40 1.73
C GLY B 30 -4.73 8.79 2.92
N PHE B 31 -5.52 7.88 3.49
CA PHE B 31 -6.42 8.25 4.57
C PHE B 31 -5.92 7.80 5.94
N HIS B 32 -6.46 8.44 6.97
CA HIS B 32 -6.12 8.14 8.35
C HIS B 32 -7.22 8.74 9.21
N PRO B 33 -7.81 7.99 10.15
CA PRO B 33 -7.54 6.61 10.57
C PRO B 33 -8.11 5.58 9.58
N SER B 34 -8.00 4.29 9.91
CA SER B 34 -8.22 3.27 8.89
C SER B 34 -9.69 2.92 8.65
N ASP B 35 -10.59 3.25 9.57
CA ASP B 35 -11.99 2.86 9.36
C ASP B 35 -12.57 3.60 8.17
N ILE B 36 -13.12 2.86 7.23
CA ILE B 36 -13.63 3.46 5.99
C ILE B 36 -14.76 2.58 5.46
N GLU B 37 -15.74 3.23 4.84
CA GLU B 37 -16.85 2.54 4.20
C GLU B 37 -16.78 2.80 2.70
N VAL B 38 -16.82 1.71 1.92
CA VAL B 38 -16.67 1.77 0.46
C VAL B 38 -17.65 0.81 -0.17
N ASP B 39 -18.49 1.32 -1.07
CA ASP B 39 -19.39 0.50 -1.85
C ASP B 39 -19.25 0.86 -3.33
N LEU B 40 -19.40 -0.15 -4.16
CA LEU B 40 -19.48 0.00 -5.61
C LEU B 40 -20.95 0.03 -6.00
N LEU B 41 -21.34 1.02 -6.80
CA LEU B 41 -22.73 1.22 -7.19
C LEU B 41 -22.89 0.90 -8.67
N LYS B 42 -24.00 0.23 -9.00
CA LYS B 42 -24.39 -0.02 -10.39
C LYS B 42 -25.73 0.68 -10.59
N ASN B 43 -25.70 1.80 -11.32
CA ASN B 43 -26.87 2.67 -11.48
C ASN B 43 -27.47 3.06 -10.13
N GLY B 44 -26.59 3.31 -9.16
CA GLY B 44 -27.01 3.83 -7.87
C GLY B 44 -27.31 2.81 -6.80
N GLU B 45 -27.34 1.52 -7.14
CA GLU B 45 -27.62 0.46 -6.19
C GLU B 45 -26.33 -0.26 -5.80
N ARG B 46 -26.20 -0.58 -4.52
CA ARG B 46 -25.00 -1.20 -4.00
C ARG B 46 -24.83 -2.61 -4.54
N ILE B 47 -23.67 -2.87 -5.12
CA ILE B 47 -23.33 -4.20 -5.61
C ILE B 47 -23.00 -5.10 -4.42
N GLU B 48 -23.51 -6.33 -4.45
CA GLU B 48 -23.14 -7.30 -3.44
C GLU B 48 -21.84 -8.02 -3.84
N LYS B 49 -21.29 -8.79 -2.91
CA LYS B 49 -20.14 -9.64 -3.18
C LYS B 49 -18.91 -8.82 -3.62
N VAL B 50 -18.85 -7.54 -3.22
CA VAL B 50 -17.64 -6.75 -3.43
C VAL B 50 -16.59 -7.18 -2.42
N GLU B 51 -15.36 -7.36 -2.90
CA GLU B 51 -14.24 -7.76 -2.06
C GLU B 51 -13.28 -6.60 -1.90
N HIS B 52 -12.35 -6.73 -0.95
CA HIS B 52 -11.34 -5.70 -0.77
C HIS B 52 -10.05 -6.34 -0.30
N SER B 53 -8.94 -5.64 -0.58
CA SER B 53 -7.63 -6.08 -0.16
C SER B 53 -7.49 -5.98 1.36
N ASP B 54 -6.45 -6.62 1.89
CA ASP B 54 -6.15 -6.52 3.31
C ASP B 54 -5.52 -5.16 3.64
N LEU B 55 -5.87 -4.62 4.81
CA LEU B 55 -5.41 -3.31 5.21
C LEU B 55 -3.88 -3.22 5.25
N SER B 56 -3.33 -2.25 4.53
CA SER B 56 -1.91 -1.95 4.57
C SER B 56 -1.75 -0.45 4.50
N PHE B 57 -0.50 0.02 4.54
CA PHE B 57 -0.30 1.46 4.56
C PHE B 57 1.02 1.83 3.90
N SER B 58 1.09 3.09 3.53
CA SER B 58 2.24 3.64 2.81
C SER B 58 3.33 4.12 3.77
N LYS B 59 4.45 4.54 3.19
CA LYS B 59 5.58 5.03 3.99
C LYS B 59 5.22 6.23 4.84
N ASP B 60 4.24 7.04 4.42
CA ASP B 60 3.79 8.14 5.25
C ASP B 60 2.71 7.75 6.25
N TRP B 61 2.50 6.46 6.47
CA TRP B 61 1.58 5.85 7.44
C TRP B 61 0.12 5.90 6.98
N SER B 62 -0.20 6.55 5.87
CA SER B 62 -1.59 6.58 5.43
C SER B 62 -2.00 5.22 4.86
N PHE B 63 -3.27 4.85 5.08
CA PHE B 63 -3.78 3.55 4.67
C PHE B 63 -4.24 3.55 3.22
N TYR B 64 -4.28 2.36 2.62
CA TYR B 64 -4.85 2.17 1.28
C TYR B 64 -5.57 0.82 1.23
N LEU B 65 -6.64 0.78 0.42
CA LEU B 65 -7.44 -0.42 0.22
C LEU B 65 -7.96 -0.43 -1.21
N LEU B 66 -7.99 -1.60 -1.82
CA LEU B 66 -8.62 -1.79 -3.12
C LEU B 66 -9.90 -2.57 -2.92
N TYR B 67 -11.01 -1.99 -3.35
CA TYR B 67 -12.30 -2.66 -3.46
C TYR B 67 -12.56 -2.97 -4.93
N TYR B 68 -13.14 -4.15 -5.19
CA TYR B 68 -13.28 -4.64 -6.57
C TYR B 68 -14.39 -5.67 -6.68
N THR B 69 -14.92 -5.81 -7.90
CA THR B 69 -15.82 -6.91 -8.21
C THR B 69 -15.78 -7.18 -9.71
N GLU B 70 -15.95 -8.45 -10.08
CA GLU B 70 -16.17 -8.81 -11.48
C GLU B 70 -17.36 -8.04 -12.02
N PHE B 71 -17.26 -7.55 -13.26
CA PHE B 71 -18.41 -6.95 -13.88
C PHE B 71 -18.27 -6.98 -15.38
N THR B 72 -19.40 -6.76 -16.07
CA THR B 72 -19.43 -6.62 -17.51
C THR B 72 -20.01 -5.25 -17.85
N PRO B 73 -19.22 -4.34 -18.38
CA PRO B 73 -19.75 -3.02 -18.71
C PRO B 73 -20.68 -3.07 -19.92
N THR B 74 -21.65 -2.15 -19.92
CA THR B 74 -22.52 -1.89 -21.05
C THR B 74 -22.47 -0.40 -21.36
N GLU B 75 -23.14 0.02 -22.43
CA GLU B 75 -23.23 1.45 -22.71
C GLU B 75 -24.30 2.14 -21.87
N LYS B 76 -25.30 1.38 -21.39
CA LYS B 76 -26.30 1.95 -20.49
C LYS B 76 -25.77 2.05 -19.06
N ASP B 77 -25.29 0.94 -18.51
CA ASP B 77 -25.05 0.83 -17.08
C ASP B 77 -24.04 1.87 -16.59
N GLU B 78 -24.41 2.57 -15.53
CA GLU B 78 -23.53 3.53 -14.86
C GLU B 78 -22.96 2.89 -13.60
N TYR B 79 -21.70 3.16 -13.32
CA TYR B 79 -21.04 2.61 -12.16
C TYR B 79 -20.36 3.72 -11.37
N ALA B 80 -20.27 3.54 -10.05
CA ALA B 80 -19.66 4.57 -9.21
C ALA B 80 -19.14 3.93 -7.93
N CYS B 81 -18.44 4.74 -7.14
CA CYS B 81 -17.89 4.28 -5.87
C CYS B 81 -18.30 5.25 -4.77
N ARG B 82 -18.89 4.70 -3.70
CA ARG B 82 -19.44 5.48 -2.59
C ARG B 82 -18.54 5.31 -1.38
N VAL B 83 -17.96 6.40 -0.91
CA VAL B 83 -16.91 6.37 0.12
C VAL B 83 -17.36 7.18 1.33
N ASN B 84 -17.31 6.56 2.50
CA ASN B 84 -17.55 7.29 3.74
C ASN B 84 -16.36 7.12 4.68
N HIS B 85 -15.99 8.21 5.35
CA HIS B 85 -14.84 8.30 6.24
C HIS B 85 -15.11 9.38 7.27
N VAL B 86 -14.46 9.26 8.43
CA VAL B 86 -14.69 10.23 9.51
C VAL B 86 -14.38 11.66 9.05
N THR B 87 -13.49 11.83 8.09
CA THR B 87 -13.21 13.16 7.55
C THR B 87 -14.32 13.70 6.65
N LEU B 88 -15.31 12.88 6.29
CA LEU B 88 -16.31 13.27 5.30
C LEU B 88 -17.64 13.56 5.99
N SER B 89 -18.19 14.75 5.73
CA SER B 89 -19.50 15.11 6.27
C SER B 89 -20.59 14.20 5.73
N GLN B 90 -20.57 13.97 4.43
CA GLN B 90 -21.49 13.04 3.80
C GLN B 90 -20.70 12.14 2.87
N PRO B 91 -21.19 10.94 2.59
CA PRO B 91 -20.48 10.03 1.70
C PRO B 91 -20.16 10.69 0.37
N LYS B 92 -18.98 10.41 -0.16
CA LYS B 92 -18.56 10.89 -1.45
C LYS B 92 -18.84 9.82 -2.50
N ILE B 93 -19.46 10.24 -3.60
CA ILE B 93 -19.74 9.33 -4.71
C ILE B 93 -18.91 9.80 -5.90
N VAL B 94 -18.06 8.91 -6.40
CA VAL B 94 -17.17 9.20 -7.53
C VAL B 94 -17.56 8.27 -8.66
N LYS B 95 -18.02 8.85 -9.77
CA LYS B 95 -18.51 8.05 -10.88
C LYS B 95 -17.35 7.49 -11.69
N TRP B 96 -17.53 6.29 -12.22
CA TRP B 96 -16.54 5.70 -13.11
C TRP B 96 -16.50 6.49 -14.40
N ASP B 97 -15.39 7.19 -14.62
CA ASP B 97 -15.20 7.99 -15.84
C ASP B 97 -14.80 7.02 -16.95
N ARG B 98 -15.79 6.55 -17.70
CA ARG B 98 -15.56 5.68 -18.83
C ARG B 98 -14.78 6.39 -19.94
N ASP B 99 -14.81 7.73 -19.95
CA ASP B 99 -14.11 8.53 -20.96
C ASP B 99 -12.63 8.68 -20.68
N MET B 100 -12.11 8.03 -19.62
CA MET B 100 -10.71 8.11 -19.21
C MET B 100 -10.30 9.51 -18.70
N HIS C 1 8.99 -14.33 6.94
CA HIS C 1 9.21 -14.83 8.28
C HIS C 1 9.13 -13.72 9.33
N LEU C 2 8.07 -13.73 10.14
CA LEU C 2 7.85 -12.69 11.13
C LEU C 2 9.01 -12.60 12.11
N ALA C 3 9.29 -11.38 12.57
CA ALA C 3 10.10 -11.22 13.77
C ALA C 3 9.35 -11.81 14.96
N SER C 4 10.10 -12.40 15.90
CA SER C 4 9.49 -12.94 17.11
CA SER C 4 9.43 -12.95 17.07
C SER C 4 8.76 -11.83 17.87
N SER C 5 7.73 -12.21 18.62
CA SER C 5 6.96 -11.25 19.38
CA SER C 5 6.95 -11.25 19.39
C SER C 5 7.82 -10.66 20.49
N GLY C 6 7.96 -9.34 20.49
CA GLY C 6 8.85 -8.65 21.41
C GLY C 6 8.12 -7.86 22.47
N HIS C 7 8.83 -6.89 23.06
CA HIS C 7 8.35 -6.19 24.24
C HIS C 7 7.27 -5.17 23.92
N SER C 8 6.33 -5.01 24.86
CA SER C 8 5.31 -3.99 24.72
C SER C 8 5.95 -2.61 24.66
N TYR C 9 5.18 -1.65 24.13
CA TYR C 9 5.62 -0.26 24.06
C TYR C 9 5.54 0.38 25.43
C ACT D . -8.05 1.61 -17.48
O ACT D . -8.31 1.58 -16.24
OXT ACT D . -7.56 0.59 -18.06
CH3 ACT D . -8.34 2.88 -18.27
C ACT E . 6.37 -7.21 18.18
O ACT E . 6.04 -6.49 17.20
OXT ACT E . 7.13 -8.20 18.00
CH3 ACT E . 5.84 -6.84 19.58
C1 GOL F . 12.39 -10.56 16.97
O1 GOL F . 13.05 -11.39 16.03
C2 GOL F . 13.18 -9.31 17.31
O2 GOL F . 12.90 -8.34 16.34
C3 GOL F . 12.72 -8.78 18.68
O3 GOL F . 13.25 -7.50 18.85
C1 GOL G . 5.96 -1.53 0.38
O1 GOL G . 6.88 -2.53 0.76
C2 GOL G . 4.58 -2.16 0.22
O2 GOL G . 3.56 -1.20 0.41
C3 GOL G . 4.47 -2.75 -1.19
O3 GOL G . 4.02 -1.80 -2.12
C1 EDO H . 1.74 -0.11 -3.47
O1 EDO H . 1.68 0.69 -2.32
C2 EDO H . 2.49 0.63 -4.57
O2 EDO H . 1.80 1.80 -4.92
C1 EDO I . 17.40 -20.28 5.77
O1 EDO I . 17.71 -20.35 7.13
C2 EDO I . 15.89 -20.52 5.56
O2 EDO I . 15.62 -20.53 4.19
C1 EDO J . -3.09 -8.85 -3.31
O1 EDO J . -2.91 -7.54 -2.83
C2 EDO J . -3.06 -9.81 -2.11
O2 EDO J . -3.41 -11.11 -2.50
C1 EDO K . 1.04 10.58 -5.83
O1 EDO K . 2.25 9.89 -5.86
C2 EDO K . 0.88 11.38 -7.12
O2 EDO K . -0.32 12.09 -7.06
C1 EDO L . 11.97 15.64 24.04
O1 EDO L . 11.49 16.08 22.80
C2 EDO L . 12.78 16.74 24.71
O2 EDO L . 12.44 16.83 26.07
C1 EDO M . -10.88 33.05 -29.90
O1 EDO M . -10.07 32.60 -30.96
C2 EDO M . -10.53 32.31 -28.60
O2 EDO M . -9.14 32.15 -28.49
C1 EDO N . -6.67 10.20 31.53
O1 EDO N . -5.49 9.47 31.79
C2 EDO N . -7.80 9.67 32.40
O2 EDO N . -7.35 9.58 33.73
NA NA O . 13.03 -7.82 -10.51
C1 GOL P . -12.39 8.61 -12.45
O1 GOL P . -13.28 7.54 -12.62
C2 GOL P . -12.00 8.70 -10.98
O2 GOL P . -11.11 7.66 -10.67
C3 GOL P . -11.39 10.06 -10.66
O3 GOL P . -10.76 10.01 -9.41
C1 GOL Q . -10.42 -2.94 7.58
O1 GOL Q . -9.91 -3.25 6.31
C2 GOL Q . -10.07 -1.51 8.03
O2 GOL Q . -10.75 -0.55 7.25
C3 GOL Q . -10.47 -1.37 9.50
O3 GOL Q . -10.03 -0.15 10.06
C1 EDO R . -3.82 -2.55 -22.48
O1 EDO R . -3.29 -1.34 -22.98
C2 EDO R . -4.03 -2.41 -20.97
O2 EDO R . -4.23 -3.66 -20.35
#